data_5FY9
#
_entry.id   5FY9
#
_cell.length_a   142.290
_cell.length_b   142.290
_cell.length_c   152.650
_cell.angle_alpha   90.00
_cell.angle_beta   90.00
_cell.angle_gamma   120.00
#
_symmetry.space_group_name_H-M   'P 65 2 2'
#
loop_
_entity.id
_entity.type
_entity.pdbx_description
1 polymer 'LYSINE-SPECIFIC DEMETHYLASE 5B, LYSINE-SPECIFIC DEMETHYLASE 5B'
2 non-polymer 'MANGANESE (II) ION'
3 non-polymer 'ZINC ION'
4 non-polymer '4-(2-HYDROXYETHYL)-1-PIPERAZINE ETHANESULFONIC ACID'
5 non-polymer 1,2-ETHANEDIOL
6 non-polymer 'PYRUVIC ACID'
7 water water
#
_entity_poly.entity_id   1
_entity_poly.type   'polypeptide(L)'
_entity_poly.pdbx_seq_one_letter_code
;SMFLPPPECPVFEPSWEEFADPFAFIHKIRPIAEQTGICKVRPPPDWQPPFACDVDKLHFTPRIQRLNELEAQTRVKLGG
GGARDYTLRTFGEMADAFKSDYFNMPVHMVPTELVEKEFWRLVSTIEEDVTVEYGADIASKEFGSGFPVRDGKIKLSPEE
EEYLDSGWNLNNMPVMEQSVLAHITADICGMKLPWLYVGMCFSSFCWHIEDHWSYSINYLHWGEPKTWYGVPGYAAEQLE
NVMKKLAPELFVSQPDLLHQLVTIMNPNTLMTHEVPVYRTNQCAGEFVITFPRAYHSGFNQGFNFAEAVNFCTVDWLPLG
RQCVEHYRLLHRYCVFSHDEMICKMASKADVLDVVVASTVQKDMAIMIEDEKALRETVRKLGVIDSERMDFELLPDDERQ
CVKCKTTCFMSAISCSCKPGLLVCLHHVKELCSCPPYKYKLRYRYTLDDLYPMMNALKLRAESYNEWALNVNEALEAKI
;
_entity_poly.pdbx_strand_id   A
#
loop_
_chem_comp.id
_chem_comp.type
_chem_comp.name
_chem_comp.formula
EDO non-polymer 1,2-ETHANEDIOL 'C2 H6 O2'
EPE non-polymer '4-(2-HYDROXYETHYL)-1-PIPERAZINE ETHANESULFONIC ACID' 'C8 H18 N2 O4 S'
MN non-polymer 'MANGANESE (II) ION' 'Mn 2'
PYR non-polymer 'PYRUVIC ACID' 'C3 H4 O3'
ZN non-polymer 'ZINC ION' 'Zn 2'
#
# COMPACT_ATOMS: atom_id res chain seq x y z
N SER A 1 12.19 26.51 16.12
CA SER A 1 11.17 27.08 16.98
C SER A 1 9.82 27.08 16.29
N MET A 2 9.80 27.29 14.97
N MET A 2 9.85 27.38 14.99
CA MET A 2 8.54 27.11 14.25
CA MET A 2 8.67 27.20 14.15
C MET A 2 8.48 25.71 13.60
C MET A 2 8.61 25.71 13.80
N PHE A 3 9.60 25.23 13.07
CA PHE A 3 9.68 23.82 12.67
C PHE A 3 10.97 23.17 13.13
N LEU A 4 10.85 22.14 13.97
CA LEU A 4 12.02 21.38 14.37
C LEU A 4 12.02 20.08 13.58
N PRO A 5 12.95 19.94 12.62
CA PRO A 5 12.99 18.72 11.79
C PRO A 5 13.14 17.46 12.63
N PRO A 6 12.33 16.43 12.34
CA PRO A 6 12.45 15.15 13.02
C PRO A 6 13.83 14.56 12.76
N PRO A 7 14.29 13.64 13.61
CA PRO A 7 15.57 12.99 13.38
C PRO A 7 15.58 12.22 12.07
N GLU A 8 16.77 12.04 11.49
CA GLU A 8 16.91 11.33 10.22
C GLU A 8 16.59 9.83 10.37
N CYS A 9 15.91 9.26 9.37
CA CYS A 9 15.68 7.81 9.35
C CYS A 9 16.98 7.11 8.95
N PRO A 10 17.08 5.78 9.16
CA PRO A 10 18.26 5.01 8.75
C PRO A 10 18.53 5.14 7.25
N VAL A 11 19.81 5.15 6.87
CA VAL A 11 20.23 5.15 5.48
C VAL A 11 21.15 3.97 5.25
N PHE A 12 20.85 3.14 4.27
CA PHE A 12 21.65 1.96 4.02
C PHE A 12 22.37 2.06 2.68
N GLU A 13 23.62 1.60 2.67
CA GLU A 13 24.43 1.59 1.45
C GLU A 13 24.97 0.19 1.21
N PRO A 14 24.13 -0.70 0.67
CA PRO A 14 24.53 -2.10 0.49
C PRO A 14 25.62 -2.27 -0.56
N SER A 15 26.51 -3.22 -0.31
CA SER A 15 27.47 -3.68 -1.32
C SER A 15 26.72 -4.36 -2.45
N TRP A 16 27.38 -4.59 -3.58
CA TRP A 16 26.74 -5.31 -4.67
C TRP A 16 26.26 -6.68 -4.21
N GLU A 17 27.01 -7.29 -3.30
CA GLU A 17 26.65 -8.59 -2.73
C GLU A 17 25.30 -8.49 -2.01
N GLU A 18 25.21 -7.58 -1.03
CA GLU A 18 23.97 -7.36 -0.27
C GLU A 18 22.82 -6.96 -1.18
N PHE A 19 23.14 -6.15 -2.18
CA PHE A 19 22.16 -5.58 -3.09
C PHE A 19 21.57 -6.62 -4.03
N ALA A 20 22.29 -7.73 -4.21
CA ALA A 20 21.93 -8.76 -5.18
C ALA A 20 20.51 -9.30 -4.98
N ASP A 21 20.14 -9.56 -3.73
CA ASP A 21 18.79 -10.02 -3.42
C ASP A 21 18.06 -9.00 -2.53
N PRO A 22 17.11 -8.26 -3.12
CA PRO A 22 16.37 -7.24 -2.37
C PRO A 22 15.64 -7.83 -1.15
N PHE A 23 14.97 -8.97 -1.33
CA PHE A 23 14.22 -9.53 -0.22
C PHE A 23 15.13 -9.99 0.92
N ALA A 24 16.27 -10.58 0.58
CA ALA A 24 17.26 -10.93 1.60
C ALA A 24 17.79 -9.67 2.29
N PHE A 25 18.02 -8.63 1.50
CA PHE A 25 18.51 -7.37 2.06
C PHE A 25 17.47 -6.71 2.98
N ILE A 26 16.24 -6.63 2.50
CA ILE A 26 15.16 -6.05 3.29
C ILE A 26 14.97 -6.82 4.59
N HIS A 27 15.07 -8.16 4.52
CA HIS A 27 15.01 -8.97 5.73
C HIS A 27 16.14 -8.63 6.69
N LYS A 28 17.33 -8.39 6.14
CA LYS A 28 18.49 -8.03 6.95
C LYS A 28 18.28 -6.72 7.71
N ILE A 29 17.83 -5.68 7.02
CA ILE A 29 17.69 -4.36 7.67
C ILE A 29 16.43 -4.25 8.53
N ARG A 30 15.55 -5.24 8.44
CA ARG A 30 14.24 -5.15 9.09
C ARG A 30 14.29 -4.81 10.58
N PRO A 31 15.19 -5.47 11.36
CA PRO A 31 15.21 -5.13 12.79
C PRO A 31 15.46 -3.65 13.05
N ILE A 32 16.28 -3.02 12.22
CA ILE A 32 16.58 -1.59 12.35
C ILE A 32 15.44 -0.73 11.82
N ALA A 33 15.05 -0.99 10.58
CA ALA A 33 14.15 -0.10 9.87
C ALA A 33 12.70 -0.18 10.36
N GLU A 34 12.29 -1.31 10.93
CA GLU A 34 10.92 -1.40 11.40
C GLU A 34 10.76 -0.56 12.65
N GLN A 35 11.87 -0.15 13.26
CA GLN A 35 11.83 0.73 14.42
C GLN A 35 11.60 2.18 14.01
N THR A 36 11.73 2.47 12.72
CA THR A 36 11.61 3.86 12.26
C THR A 36 10.57 3.99 11.16
N GLY A 37 10.06 2.85 10.69
CA GLY A 37 8.95 2.84 9.76
C GLY A 37 9.37 3.04 8.30
N ILE A 38 10.26 4.00 8.06
CA ILE A 38 10.84 4.16 6.73
C ILE A 38 12.36 4.09 6.83
N CYS A 39 12.99 3.76 5.70
CA CYS A 39 14.45 3.85 5.58
C CYS A 39 14.78 4.21 4.15
N LYS A 40 15.99 4.71 3.93
CA LYS A 40 16.45 5.06 2.61
C LYS A 40 17.52 4.05 2.19
N VAL A 41 17.47 3.63 0.93
CA VAL A 41 18.46 2.70 0.40
C VAL A 41 19.18 3.29 -0.80
N ARG A 42 20.49 3.37 -0.68
CA ARG A 42 21.36 3.86 -1.73
C ARG A 42 21.93 2.68 -2.48
N PRO A 43 21.58 2.53 -3.76
CA PRO A 43 22.16 1.41 -4.48
C PRO A 43 23.67 1.61 -4.69
N PRO A 44 24.41 0.53 -5.00
CA PRO A 44 25.82 0.68 -5.38
C PRO A 44 25.99 1.71 -6.50
N PRO A 45 27.11 2.44 -6.49
CA PRO A 45 27.37 3.57 -7.40
C PRO A 45 27.12 3.25 -8.87
N ASP A 46 27.39 2.03 -9.30
CA ASP A 46 27.27 1.68 -10.71
C ASP A 46 25.88 1.14 -11.10
N TRP A 47 25.07 0.76 -10.12
CA TRP A 47 23.67 0.41 -10.41
C TRP A 47 22.96 1.66 -10.90
N GLN A 48 22.91 1.80 -12.22
CA GLN A 48 22.35 2.99 -12.85
C GLN A 48 21.39 2.58 -13.94
N PRO A 49 20.15 2.24 -13.56
CA PRO A 49 19.12 1.87 -14.54
C PRO A 49 18.89 2.99 -15.51
N PRO A 50 18.88 2.69 -16.81
CA PRO A 50 18.76 3.78 -17.79
C PRO A 50 17.35 4.32 -17.84
N PHE A 51 17.21 5.62 -17.65
CA PHE A 51 15.94 6.26 -17.89
C PHE A 51 15.96 6.95 -19.24
N ALA A 52 14.92 6.73 -20.04
CA ALA A 52 14.76 7.42 -21.30
C ALA A 52 13.29 7.49 -21.66
N CYS A 53 12.85 8.68 -22.04
CA CYS A 53 11.48 8.91 -22.46
C CYS A 53 11.40 10.22 -23.24
N ASP A 54 10.38 10.34 -24.08
CA ASP A 54 10.14 11.56 -24.83
C ASP A 54 9.20 12.42 -24.01
N VAL A 55 9.70 13.57 -23.55
CA VAL A 55 8.92 14.45 -22.69
C VAL A 55 7.70 15.04 -23.39
N ASP A 56 7.62 14.92 -24.72
CA ASP A 56 6.50 15.49 -25.46
C ASP A 56 5.41 14.47 -25.75
N LYS A 57 5.74 13.19 -25.70
CA LYS A 57 4.76 12.14 -26.01
C LYS A 57 4.17 11.51 -24.75
N LEU A 58 4.71 11.84 -23.60
CA LEU A 58 4.13 11.36 -22.34
C LEU A 58 3.15 12.40 -21.82
N HIS A 59 1.86 12.05 -21.79
CA HIS A 59 0.76 12.91 -21.35
CA HIS A 59 0.89 12.97 -21.23
C HIS A 59 0.15 12.34 -20.06
N PHE A 60 -0.42 13.20 -19.22
CA PHE A 60 -1.19 12.73 -18.08
C PHE A 60 -2.13 13.81 -17.60
N THR A 61 -3.18 13.39 -16.90
CA THR A 61 -4.18 14.30 -16.37
C THR A 61 -3.78 14.68 -14.96
N PRO A 62 -3.60 15.97 -14.72
CA PRO A 62 -3.08 16.43 -13.42
C PRO A 62 -4.15 16.40 -12.33
N ARG A 63 -3.76 16.04 -11.12
CA ARG A 63 -4.64 16.20 -9.96
C ARG A 63 -4.33 17.52 -9.26
N ILE A 64 -5.37 18.21 -8.78
CA ILE A 64 -5.18 19.49 -8.10
C ILE A 64 -5.25 19.31 -6.59
N GLN A 65 -4.44 20.07 -5.87
CA GLN A 65 -4.27 19.85 -4.45
C GLN A 65 -4.20 21.18 -3.71
N ARG A 66 -5.10 21.36 -2.75
CA ARG A 66 -4.98 22.50 -1.84
C ARG A 66 -4.04 22.10 -0.71
N LEU A 67 -3.33 23.07 -0.14
CA LEU A 67 -2.35 22.76 0.88
C LEU A 67 -2.72 23.35 2.25
N ASN A 68 -3.68 22.72 2.90
CA ASN A 68 -4.14 23.14 4.23
C ASN A 68 -4.01 22.02 5.25
N GLU A 69 -3.23 22.27 6.30
CA GLU A 69 -3.06 21.25 7.33
C GLU A 69 -4.40 20.88 7.93
N LEU A 70 -4.59 19.58 8.18
CA LEU A 70 -5.79 19.02 8.82
C LEU A 70 -7.01 18.97 7.89
N GLU A 71 -6.92 19.57 6.72
CA GLU A 71 -8.03 19.52 5.76
C GLU A 71 -8.11 18.14 5.11
N ALA A 72 -9.34 17.69 4.86
CA ALA A 72 -9.58 16.37 4.28
C ALA A 72 -9.20 16.34 2.80
N GLN A 73 -8.52 15.27 2.42
CA GLN A 73 -8.31 14.96 1.01
C GLN A 73 -8.67 13.50 0.79
N THR A 74 -9.04 13.15 -0.43
CA THR A 74 -9.38 11.76 -0.72
C THR A 74 -8.14 11.06 -1.27
N ARG A 75 -7.91 9.82 -0.85
CA ARG A 75 -6.68 9.06 -1.10
C ARG A 75 -6.29 8.95 -2.55
N VAL A 76 -7.05 8.17 -3.30
CA VAL A 76 -6.74 7.94 -4.69
C VAL A 76 -7.94 8.22 -5.55
N LYS A 77 -7.68 8.81 -6.70
CA LYS A 77 -8.63 8.82 -7.79
C LYS A 77 -7.95 8.01 -8.90
N LEU A 78 -7.93 6.69 -8.74
CA LEU A 78 -7.28 5.79 -9.69
C LEU A 78 -7.77 5.99 -11.13
N GLY A 79 -8.96 6.57 -11.27
CA GLY A 79 -9.47 7.01 -12.56
C GLY A 79 -9.33 8.52 -12.71
N GLY A 80 -8.57 8.93 -13.71
CA GLY A 80 -8.28 10.34 -13.92
C GLY A 80 -9.32 11.10 -14.73
N GLY A 81 -9.60 10.59 -15.93
CA GLY A 81 -10.52 11.24 -16.85
C GLY A 81 -10.00 12.62 -17.23
N GLY A 82 -10.66 13.65 -16.70
CA GLY A 82 -10.20 15.02 -16.79
C GLY A 82 -10.16 15.63 -18.19
N ALA A 83 -10.21 16.96 -18.23
CA ALA A 83 -10.08 17.71 -19.47
C ALA A 83 -8.70 18.34 -19.55
N ARG A 84 -8.16 18.69 -18.38
CA ARG A 84 -6.83 19.25 -18.31
C ARG A 84 -5.80 18.17 -18.60
N ASP A 85 -4.77 18.53 -19.34
CA ASP A 85 -3.76 17.55 -19.71
C ASP A 85 -2.41 18.22 -19.88
N TYR A 86 -1.40 17.65 -19.23
CA TYR A 86 -0.03 18.12 -19.40
C TYR A 86 0.77 17.05 -20.12
N THR A 87 1.74 17.46 -20.94
CA THR A 87 2.81 16.55 -21.30
C THR A 87 3.83 16.68 -20.17
N LEU A 88 4.77 15.75 -20.10
CA LEU A 88 5.82 15.83 -19.09
C LEU A 88 6.54 17.16 -19.20
N ARG A 89 6.75 17.63 -20.44
CA ARG A 89 7.42 18.92 -20.64
C ARG A 89 6.62 20.11 -20.13
N THR A 90 5.36 20.20 -20.52
CA THR A 90 4.55 21.34 -20.12
C THR A 90 4.34 21.36 -18.60
N PHE A 91 4.24 20.17 -17.98
CA PHE A 91 4.15 20.13 -16.52
C PHE A 91 5.44 20.64 -15.90
N GLY A 92 6.57 20.18 -16.42
CA GLY A 92 7.88 20.61 -15.96
C GLY A 92 8.07 22.11 -16.07
N GLU A 93 7.65 22.68 -17.19
CA GLU A 93 7.72 24.13 -17.37
C GLU A 93 6.85 24.84 -16.31
N MET A 94 5.65 24.33 -16.07
CA MET A 94 4.77 24.88 -15.04
C MET A 94 5.42 24.74 -13.67
N ALA A 95 5.96 23.55 -13.39
CA ALA A 95 6.52 23.26 -12.08
C ALA A 95 7.72 24.15 -11.76
N ASP A 96 8.65 24.28 -12.71
CA ASP A 96 9.86 25.08 -12.50
C ASP A 96 9.55 26.57 -12.28
N ALA A 97 8.68 27.12 -13.12
CA ALA A 97 8.23 28.51 -13.00
C ALA A 97 7.54 28.77 -11.67
N PHE A 98 6.69 27.83 -11.24
CA PHE A 98 6.03 27.98 -9.95
C PHE A 98 7.06 28.16 -8.84
N LYS A 99 8.03 27.25 -8.77
CA LYS A 99 8.98 27.26 -7.67
C LYS A 99 9.84 28.50 -7.75
N SER A 100 10.24 28.82 -8.98
CA SER A 100 11.10 29.95 -9.26
C SER A 100 10.41 31.24 -8.84
N ASP A 101 9.14 31.38 -9.18
CA ASP A 101 8.38 32.59 -8.84
C ASP A 101 8.04 32.68 -7.36
N TYR A 102 7.77 31.54 -6.75
CA TYR A 102 7.47 31.47 -5.31
C TYR A 102 8.60 32.02 -4.46
N PHE A 103 9.84 31.63 -4.78
CA PHE A 103 10.97 32.02 -3.97
C PHE A 103 11.78 33.17 -4.57
N ASN A 104 11.41 33.58 -5.79
CA ASN A 104 12.18 34.55 -6.57
C ASN A 104 13.67 34.15 -6.59
N MET A 105 13.91 32.87 -6.85
CA MET A 105 15.25 32.29 -6.96
C MET A 105 15.28 31.23 -8.07
N PRO A 106 16.46 30.96 -8.65
CA PRO A 106 16.55 29.76 -9.48
C PRO A 106 16.39 28.50 -8.63
N VAL A 107 15.79 27.43 -9.17
CA VAL A 107 15.27 26.32 -8.35
C VAL A 107 16.31 25.51 -7.54
N HIS A 108 17.53 25.39 -8.05
CA HIS A 108 18.54 24.62 -7.34
C HIS A 108 19.38 25.49 -6.44
N MET A 109 18.91 26.71 -6.28
CA MET A 109 19.48 27.52 -5.24
C MET A 109 18.58 27.55 -4.03
N VAL A 110 17.34 27.07 -4.17
CA VAL A 110 16.45 27.00 -3.00
C VAL A 110 16.79 25.81 -2.11
N PRO A 111 17.33 26.09 -0.93
CA PRO A 111 17.78 25.08 0.04
C PRO A 111 16.64 24.19 0.53
N THR A 112 16.91 22.89 0.68
CA THR A 112 15.84 21.94 1.01
C THR A 112 15.25 22.24 2.39
N GLU A 113 16.06 22.70 3.33
N GLU A 113 16.11 22.68 3.30
CA GLU A 113 15.54 22.99 4.66
CA GLU A 113 15.69 23.09 4.64
C GLU A 113 14.70 24.27 4.65
C GLU A 113 14.63 24.18 4.54
N LEU A 114 14.86 25.11 3.63
CA LEU A 114 13.98 26.26 3.46
C LEU A 114 12.64 25.85 2.89
N VAL A 115 12.66 24.99 1.87
CA VAL A 115 11.41 24.50 1.27
C VAL A 115 10.58 23.77 2.32
N GLU A 116 11.26 22.97 3.15
CA GLU A 116 10.61 22.21 4.23
C GLU A 116 9.97 23.15 5.25
N LYS A 117 10.78 24.09 5.75
CA LYS A 117 10.31 25.07 6.71
C LYS A 117 9.13 25.83 6.14
N GLU A 118 9.25 26.26 4.89
CA GLU A 118 8.19 27.01 4.24
C GLU A 118 6.95 26.18 4.02
N PHE A 119 7.13 24.90 3.70
CA PHE A 119 5.98 24.03 3.51
C PHE A 119 5.11 23.99 4.76
N TRP A 120 5.74 23.80 5.91
CA TRP A 120 4.97 23.68 7.13
C TRP A 120 4.40 25.03 7.56
N ARG A 121 5.05 26.12 7.17
CA ARG A 121 4.44 27.44 7.37
C ARG A 121 3.19 27.60 6.52
N LEU A 122 3.26 27.29 5.23
CA LEU A 122 2.14 27.62 4.37
C LEU A 122 0.91 26.73 4.61
N VAL A 123 1.11 25.48 4.99
CA VAL A 123 -0.05 24.62 5.23
C VAL A 123 -0.78 24.99 6.52
N SER A 124 -0.11 25.72 7.42
CA SER A 124 -0.72 26.05 8.70
C SER A 124 -1.35 27.44 8.71
N THR A 125 -0.89 28.32 7.81
CA THR A 125 -1.41 29.68 7.71
C THR A 125 -2.71 29.72 6.91
N ILE A 126 -3.76 30.23 7.52
CA ILE A 126 -5.11 30.04 6.98
C ILE A 126 -5.43 30.83 5.71
N GLU A 127 -4.86 32.02 5.56
CA GLU A 127 -5.19 32.84 4.39
C GLU A 127 -4.20 32.69 3.23
N GLU A 128 -3.17 31.88 3.43
CA GLU A 128 -2.37 31.42 2.30
C GLU A 128 -3.17 30.30 1.63
N ASP A 129 -3.58 30.50 0.38
CA ASP A 129 -4.29 29.43 -0.33
C ASP A 129 -3.49 29.00 -1.57
N VAL A 130 -2.33 28.40 -1.32
CA VAL A 130 -1.50 27.82 -2.36
C VAL A 130 -2.11 26.51 -2.86
N THR A 131 -2.32 26.40 -4.17
CA THR A 131 -2.69 25.11 -4.74
C THR A 131 -1.63 24.66 -5.75
N VAL A 132 -1.38 23.36 -5.81
CA VAL A 132 -0.39 22.83 -6.72
C VAL A 132 -1.02 21.66 -7.47
N GLU A 133 -0.27 21.10 -8.41
CA GLU A 133 -0.75 19.98 -9.22
C GLU A 133 0.29 18.89 -9.21
N TYR A 134 -0.14 17.67 -9.53
CA TYR A 134 0.75 16.54 -9.58
C TYR A 134 0.15 15.43 -10.44
N GLY A 135 0.98 14.46 -10.80
CA GLY A 135 0.50 13.28 -11.49
C GLY A 135 0.64 12.06 -10.61
N ALA A 136 -0.38 11.21 -10.65
CA ALA A 136 -0.33 9.94 -9.93
C ALA A 136 -1.22 8.93 -10.66
N ASP A 137 -0.60 7.87 -11.20
CA ASP A 137 -1.32 6.88 -12.01
C ASP A 137 -0.52 5.60 -12.18
N ILE A 138 -1.20 4.48 -12.41
CA ILE A 138 -0.47 3.26 -12.70
C ILE A 138 0.01 3.32 -14.13
N ALA A 139 1.01 2.51 -14.46
CA ALA A 139 1.59 2.51 -15.80
C ALA A 139 0.53 2.22 -16.86
N SER A 140 0.61 2.93 -17.99
CA SER A 140 -0.23 2.68 -19.14
C SER A 140 0.53 3.01 -20.43
N LYS A 141 -0.17 2.97 -21.56
CA LYS A 141 0.44 3.22 -22.86
C LYS A 141 0.79 4.69 -23.06
N GLU A 142 -0.06 5.57 -22.52
CA GLU A 142 0.18 7.01 -22.59
C GLU A 142 1.30 7.41 -21.64
N PHE A 143 1.54 6.56 -20.64
CA PHE A 143 2.57 6.82 -19.64
C PHE A 143 3.03 5.53 -18.93
N GLY A 144 4.20 5.02 -19.33
CA GLY A 144 4.68 3.75 -18.82
C GLY A 144 5.75 3.83 -17.74
N SER A 145 6.16 2.66 -17.25
CA SER A 145 7.17 2.57 -16.23
C SER A 145 8.47 3.30 -16.56
N GLY A 146 9.16 3.75 -15.53
CA GLY A 146 10.45 4.39 -15.69
C GLY A 146 11.56 3.36 -15.75
N PHE A 147 11.29 2.14 -15.31
CA PHE A 147 12.27 1.06 -15.46
C PHE A 147 12.13 0.37 -16.82
N PRO A 148 13.22 -0.26 -17.32
CA PRO A 148 13.17 -1.04 -18.57
C PRO A 148 12.16 -2.18 -18.52
N VAL A 149 11.27 -2.25 -19.51
CA VAL A 149 10.36 -3.39 -19.64
C VAL A 149 10.62 -4.12 -20.96
N ARG A 150 10.51 -5.44 -20.94
CA ARG A 150 10.82 -6.24 -22.13
C ARG A 150 9.68 -6.15 -23.14
N ASP A 151 10.00 -5.67 -24.35
CA ASP A 151 9.06 -5.62 -25.46
C ASP A 151 9.69 -6.07 -26.77
N ILE A 154 9.55 -3.70 -29.34
CA ILE A 154 10.63 -2.72 -29.26
C ILE A 154 11.95 -3.39 -28.85
N LYS A 155 13.02 -3.05 -29.58
CA LYS A 155 14.36 -3.60 -29.33
C LYS A 155 15.11 -2.80 -28.24
N LEU A 156 15.67 -3.52 -27.28
CA LEU A 156 16.36 -2.90 -26.15
C LEU A 156 17.90 -3.04 -26.21
N SER A 157 18.58 -2.00 -25.72
CA SER A 157 20.04 -1.99 -25.60
C SER A 157 20.51 -2.84 -24.42
N PRO A 158 21.72 -3.43 -24.51
CA PRO A 158 22.26 -4.30 -23.45
C PRO A 158 22.26 -3.65 -22.06
N GLU A 159 22.33 -2.32 -21.99
CA GLU A 159 22.21 -1.61 -20.71
C GLU A 159 20.83 -1.89 -20.10
N GLU A 160 19.78 -1.74 -20.90
CA GLU A 160 18.41 -1.96 -20.45
C GLU A 160 18.19 -3.43 -20.10
N GLU A 161 18.95 -4.32 -20.75
CA GLU A 161 18.80 -5.77 -20.56
C GLU A 161 19.36 -6.19 -19.20
N GLU A 162 20.48 -5.61 -18.82
CA GLU A 162 21.06 -5.82 -17.48
C GLU A 162 20.06 -5.53 -16.35
N TYR A 163 19.19 -4.55 -16.57
CA TYR A 163 18.27 -4.09 -15.52
C TYR A 163 16.85 -4.64 -15.71
N LEU A 164 16.67 -5.42 -16.77
CA LEU A 164 15.34 -5.92 -17.11
C LEU A 164 14.82 -6.88 -16.06
N ASP A 165 15.73 -7.61 -15.43
CA ASP A 165 15.33 -8.69 -14.55
C ASP A 165 15.71 -8.39 -13.12
N SER A 166 16.30 -7.23 -12.89
CA SER A 166 16.68 -6.83 -11.54
C SER A 166 15.52 -6.95 -10.56
N GLY A 167 15.80 -7.44 -9.36
CA GLY A 167 14.81 -7.44 -8.30
C GLY A 167 14.39 -6.03 -7.92
N TRP A 168 15.27 -5.05 -8.14
CA TRP A 168 14.98 -3.66 -7.80
C TRP A 168 14.31 -2.93 -8.96
N ASN A 169 14.15 -3.62 -10.07
CA ASN A 169 13.30 -3.10 -11.14
C ASN A 169 11.87 -3.28 -10.64
N LEU A 170 11.20 -2.19 -10.27
CA LEU A 170 9.95 -2.29 -9.54
C LEU A 170 8.81 -2.96 -10.33
N ASN A 171 8.93 -2.99 -11.66
CA ASN A 171 7.99 -3.76 -12.48
C ASN A 171 7.99 -5.24 -12.19
N ASN A 172 9.09 -5.73 -11.65
CA ASN A 172 9.25 -7.15 -11.42
C ASN A 172 8.61 -7.64 -10.10
N MET A 173 8.28 -6.75 -9.17
CA MET A 173 7.68 -7.22 -7.92
C MET A 173 6.21 -7.70 -7.99
N PRO A 174 5.42 -7.20 -8.97
CA PRO A 174 4.12 -7.85 -9.21
C PRO A 174 4.22 -9.34 -9.60
N VAL A 175 5.40 -9.80 -9.97
CA VAL A 175 5.57 -11.20 -10.37
C VAL A 175 6.71 -11.91 -9.65
N MET A 176 7.36 -11.26 -8.71
CA MET A 176 8.51 -11.92 -8.09
C MET A 176 8.07 -12.94 -7.07
N GLU A 177 8.82 -14.04 -7.00
CA GLU A 177 8.42 -15.25 -6.29
C GLU A 177 8.11 -15.01 -4.80
N GLN A 178 8.94 -14.21 -4.13
CA GLN A 178 8.74 -14.03 -2.70
C GLN A 178 7.87 -12.82 -2.35
N SER A 179 7.23 -12.18 -3.34
CA SER A 179 6.09 -11.32 -2.99
C SER A 179 4.81 -12.13 -3.07
N VAL A 180 4.26 -12.38 -1.89
CA VAL A 180 3.02 -13.13 -1.74
C VAL A 180 1.90 -12.55 -2.63
N LEU A 181 1.94 -11.25 -2.91
CA LEU A 181 0.94 -10.64 -3.79
C LEU A 181 0.98 -11.18 -5.21
N ALA A 182 2.12 -11.72 -5.62
CA ALA A 182 2.29 -12.21 -6.98
C ALA A 182 1.46 -13.46 -7.24
N HIS A 183 1.18 -14.19 -6.17
CA HIS A 183 0.42 -15.42 -6.28
C HIS A 183 -1.07 -15.17 -6.38
N ILE A 184 -1.52 -14.01 -5.91
CA ILE A 184 -2.94 -13.67 -5.98
C ILE A 184 -3.45 -13.65 -7.41
N THR A 185 -4.44 -14.51 -7.67
CA THR A 185 -5.02 -14.63 -9.00
C THR A 185 -6.15 -13.62 -9.18
N ALA A 186 -6.66 -13.12 -8.07
CA ALA A 186 -7.69 -12.09 -8.11
C ALA A 186 -7.13 -10.78 -8.67
N ASP A 187 -8.02 -9.94 -9.18
CA ASP A 187 -7.59 -8.65 -9.71
C ASP A 187 -7.33 -7.67 -8.56
N ILE A 188 -6.08 -7.24 -8.45
CA ILE A 188 -5.71 -6.26 -7.44
C ILE A 188 -4.80 -5.22 -8.10
N CYS A 189 -5.16 -4.84 -9.32
CA CYS A 189 -4.32 -4.02 -10.19
C CYS A 189 -3.82 -2.76 -9.52
N GLY A 190 -4.74 -2.02 -8.90
CA GLY A 190 -4.41 -0.77 -8.22
C GLY A 190 -3.42 -0.96 -7.09
N MET A 191 -3.29 -2.20 -6.63
CA MET A 191 -2.42 -2.50 -5.52
C MET A 191 -1.12 -3.20 -5.93
N LYS A 192 -1.19 -3.98 -7.01
CA LYS A 192 -0.07 -4.83 -7.41
C LYS A 192 0.86 -4.18 -8.46
N LEU A 193 0.31 -3.28 -9.27
CA LEU A 193 1.10 -2.63 -10.33
C LEU A 193 1.80 -1.39 -9.80
N PRO A 194 2.96 -1.05 -10.36
CA PRO A 194 3.62 0.18 -9.92
C PRO A 194 2.82 1.43 -10.27
N TRP A 195 2.92 2.43 -9.40
CA TRP A 195 2.37 3.74 -9.71
C TRP A 195 3.48 4.71 -10.11
N LEU A 196 3.15 5.63 -11.02
CA LEU A 196 4.04 6.70 -11.43
C LEU A 196 3.60 8.03 -10.84
N TYR A 197 4.55 8.77 -10.26
CA TYR A 197 4.23 10.06 -9.65
C TYR A 197 5.07 11.18 -10.23
N VAL A 198 4.41 12.17 -10.82
CA VAL A 198 5.11 13.34 -11.29
C VAL A 198 4.94 14.46 -10.26
N GLY A 199 6.02 14.87 -9.60
CA GLY A 199 5.91 15.88 -8.55
C GLY A 199 6.28 17.31 -8.94
N MET A 200 5.85 18.27 -8.12
CA MET A 200 6.33 19.66 -8.21
C MET A 200 6.50 20.20 -6.79
N CYS A 201 7.14 21.37 -6.66
CA CYS A 201 7.38 21.97 -5.34
C CYS A 201 6.10 21.98 -4.49
N PHE A 202 6.19 21.42 -3.28
CA PHE A 202 5.09 21.34 -2.30
C PHE A 202 3.99 20.30 -2.60
N SER A 203 3.97 19.68 -3.78
CA SER A 203 2.95 18.65 -3.99
C SER A 203 3.23 17.55 -2.97
N SER A 204 2.19 17.01 -2.35
CA SER A 204 2.42 16.21 -1.17
C SER A 204 1.54 14.98 -1.07
N PHE A 205 1.98 14.04 -0.26
CA PHE A 205 1.17 12.87 -0.03
C PHE A 205 0.82 12.85 1.44
N CYS A 206 -0.49 12.70 1.72
CA CYS A 206 -1.00 12.77 3.09
C CYS A 206 -0.60 11.57 3.88
N TRP A 207 -0.72 11.68 5.20
CA TRP A 207 -0.40 10.58 6.11
C TRP A 207 -1.25 9.36 5.74
N HIS A 208 -0.60 8.21 5.59
CA HIS A 208 -1.36 6.99 5.31
C HIS A 208 -0.52 5.77 5.59
N ILE A 209 -1.18 4.61 5.61
CA ILE A 209 -0.50 3.32 5.55
C ILE A 209 -1.02 2.56 4.34
N GLU A 210 -0.28 1.53 3.90
CA GLU A 210 -0.64 0.81 2.68
C GLU A 210 -1.81 -0.13 2.95
N ASP A 211 -2.61 -0.40 1.92
CA ASP A 211 -3.66 -1.42 2.04
C ASP A 211 -3.10 -2.74 2.50
N HIS A 212 -3.86 -3.42 3.36
CA HIS A 212 -3.46 -4.70 3.96
C HIS A 212 -2.13 -4.61 4.70
N TRP A 213 -1.76 -3.39 5.09
CA TRP A 213 -0.52 -3.15 5.83
C TRP A 213 0.71 -3.69 5.10
N SER A 214 0.71 -3.57 3.79
CA SER A 214 1.84 -4.10 3.02
C SER A 214 3.05 -3.17 3.09
N TYR A 215 4.22 -3.69 2.71
CA TYR A 215 5.40 -2.86 2.45
C TYR A 215 5.13 -1.98 1.24
N SER A 216 5.92 -0.92 1.08
CA SER A 216 5.98 -0.26 -0.22
C SER A 216 7.46 0.13 -0.46
N ILE A 217 7.81 0.29 -1.72
CA ILE A 217 9.15 0.71 -2.08
C ILE A 217 9.01 1.73 -3.19
N ASN A 218 9.74 2.84 -3.03
CA ASN A 218 9.61 4.00 -3.89
C ASN A 218 10.99 4.34 -4.47
N TYR A 219 11.04 4.56 -5.76
CA TYR A 219 12.30 4.91 -6.41
C TYR A 219 12.13 6.25 -7.06
N LEU A 220 13.05 7.16 -6.76
CA LEU A 220 13.02 8.45 -7.41
C LEU A 220 13.90 8.38 -8.64
N HIS A 221 13.29 8.34 -9.83
CA HIS A 221 14.04 8.21 -11.07
C HIS A 221 14.93 9.42 -11.34
N TRP A 222 14.37 10.62 -11.21
CA TRP A 222 15.11 11.86 -11.43
C TRP A 222 14.36 13.09 -10.89
N GLY A 223 15.08 14.22 -10.85
CA GLY A 223 14.52 15.49 -10.41
C GLY A 223 14.94 15.88 -9.01
N GLU A 224 14.26 16.89 -8.48
CA GLU A 224 14.59 17.38 -7.15
C GLU A 224 14.08 16.43 -6.06
N PRO A 225 14.59 16.58 -4.84
CA PRO A 225 14.28 15.55 -3.85
C PRO A 225 12.81 15.45 -3.42
N LYS A 226 12.50 14.32 -2.78
CA LYS A 226 11.20 14.07 -2.19
C LYS A 226 11.42 13.98 -0.69
N THR A 227 10.76 14.83 0.08
CA THR A 227 10.92 14.80 1.54
C THR A 227 9.90 13.87 2.18
N TRP A 228 10.36 12.98 3.06
CA TRP A 228 9.51 11.97 3.72
C TRP A 228 9.43 12.16 5.23
N TYR A 229 8.27 11.83 5.80
CA TYR A 229 8.15 11.59 7.23
C TYR A 229 7.58 10.21 7.46
N GLY A 230 8.12 9.50 8.44
CA GLY A 230 7.73 8.12 8.70
C GLY A 230 7.58 7.82 10.17
N VAL A 231 6.63 6.94 10.47
CA VAL A 231 6.34 6.55 11.85
C VAL A 231 6.40 5.03 11.90
N PRO A 232 7.04 4.45 12.92
CA PRO A 232 7.16 2.99 12.94
C PRO A 232 5.83 2.30 13.20
N GLY A 233 5.68 1.10 12.64
CA GLY A 233 4.45 0.35 12.80
C GLY A 233 3.90 0.23 14.22
N TYR A 234 4.77 0.12 15.21
CA TYR A 234 4.29 -0.07 16.58
C TYR A 234 3.54 1.14 17.11
N ALA A 235 3.68 2.28 16.43
CA ALA A 235 3.07 3.51 16.91
C ALA A 235 1.89 3.92 16.06
N ALA A 236 1.41 2.99 15.23
CA ALA A 236 0.30 3.33 14.32
C ALA A 236 -0.96 3.82 15.08
N GLU A 237 -1.35 3.13 16.13
CA GLU A 237 -2.58 3.53 16.84
C GLU A 237 -2.35 4.83 17.61
N GLN A 238 -1.15 4.99 18.16
CA GLN A 238 -0.76 6.27 18.78
C GLN A 238 -1.05 7.43 17.84
N LEU A 239 -0.54 7.32 16.62
CA LEU A 239 -0.74 8.36 15.62
C LEU A 239 -2.21 8.57 15.31
N GLU A 240 -2.94 7.47 15.15
CA GLU A 240 -4.35 7.57 14.82
C GLU A 240 -5.15 8.25 15.95
N ASN A 241 -4.78 7.98 17.18
CA ASN A 241 -5.43 8.64 18.30
C ASN A 241 -5.18 10.14 18.29
N VAL A 242 -3.95 10.54 17.99
CA VAL A 242 -3.65 11.96 17.89
C VAL A 242 -4.48 12.60 16.79
N MET A 243 -4.58 11.92 15.66
CA MET A 243 -5.27 12.52 14.53
C MET A 243 -6.79 12.57 14.70
N LYS A 244 -7.34 11.54 15.34
CA LYS A 244 -8.77 11.51 15.59
C LYS A 244 -9.19 12.66 16.50
N LYS A 245 -8.31 12.99 17.44
CA LYS A 245 -8.55 14.10 18.36
C LYS A 245 -8.51 15.44 17.62
N LEU A 246 -7.56 15.61 16.71
CA LEU A 246 -7.43 16.89 16.00
C LEU A 246 -8.26 16.98 14.72
N ALA A 247 -8.69 15.86 14.16
CA ALA A 247 -9.45 15.88 12.90
C ALA A 247 -10.40 14.70 12.75
N PRO A 248 -11.43 14.62 13.61
CA PRO A 248 -12.33 13.46 13.70
C PRO A 248 -13.12 13.18 12.40
N GLU A 249 -13.35 14.20 11.58
CA GLU A 249 -13.99 14.04 10.28
C GLU A 249 -13.37 12.93 9.43
N LEU A 250 -12.05 12.76 9.53
CA LEU A 250 -11.34 11.77 8.74
C LEU A 250 -11.68 10.35 9.16
N PHE A 251 -12.38 10.20 10.27
CA PHE A 251 -12.58 8.88 10.84
C PHE A 251 -14.03 8.39 10.73
N VAL A 252 -14.90 9.22 10.18
CA VAL A 252 -16.26 8.79 9.87
C VAL A 252 -16.21 7.65 8.82
N SER A 253 -17.11 6.69 8.95
CA SER A 253 -17.15 5.57 8.02
C SER A 253 -17.50 6.09 6.62
N GLN A 254 -16.98 5.42 5.60
CA GLN A 254 -17.37 5.71 4.23
C GLN A 254 -17.48 4.40 3.47
N PRO A 255 -18.38 4.34 2.47
CA PRO A 255 -18.78 3.06 1.87
C PRO A 255 -17.91 2.66 0.68
N ASP A 256 -16.72 3.23 0.56
CA ASP A 256 -15.87 2.93 -0.59
C ASP A 256 -14.41 2.81 -0.19
N LEU A 257 -13.65 2.11 -1.01
CA LEU A 257 -12.19 2.20 -0.98
C LEU A 257 -11.79 3.41 -1.81
N LEU A 258 -12.78 4.01 -2.45
CA LEU A 258 -12.60 5.21 -3.27
C LEU A 258 -12.98 6.45 -2.49
N HIS A 259 -13.10 6.31 -1.18
CA HIS A 259 -13.52 7.42 -0.33
C HIS A 259 -12.73 7.47 0.97
N GLN A 260 -11.56 6.85 0.97
CA GLN A 260 -10.66 6.95 2.12
C GLN A 260 -10.25 8.41 2.31
N LEU A 261 -10.33 8.92 3.54
CA LEU A 261 -10.02 10.31 3.80
C LEU A 261 -8.67 10.45 4.48
N VAL A 262 -7.84 11.36 3.99
CA VAL A 262 -6.49 11.51 4.55
C VAL A 262 -6.14 12.99 4.65
N THR A 263 -5.05 13.31 5.37
CA THR A 263 -4.69 14.71 5.59
C THR A 263 -3.19 15.02 5.77
N ILE A 264 -2.84 16.28 5.56
CA ILE A 264 -1.54 16.81 5.92
C ILE A 264 -1.49 17.12 7.41
N MET A 265 -0.41 16.74 8.08
CA MET A 265 -0.27 17.08 9.51
C MET A 265 1.19 17.19 9.94
N ASN A 266 1.51 18.30 10.59
CA ASN A 266 2.86 18.61 11.04
C ASN A 266 3.45 17.50 11.90
N PRO A 267 4.62 16.98 11.54
CA PRO A 267 5.28 15.98 12.38
C PRO A 267 5.57 16.50 13.79
N ASN A 268 5.75 17.80 13.96
CA ASN A 268 6.01 18.34 15.31
C ASN A 268 4.78 18.14 16.21
N THR A 269 3.60 18.17 15.62
CA THR A 269 2.37 17.88 16.35
C THR A 269 2.44 16.45 16.91
N LEU A 270 2.82 15.51 16.05
CA LEU A 270 2.97 14.13 16.48
C LEU A 270 4.04 14.01 17.55
N MET A 271 5.17 14.65 17.30
CA MET A 271 6.29 14.60 18.24
C MET A 271 5.91 15.18 19.62
N THR A 272 5.04 16.18 19.63
CA THR A 272 4.59 16.79 20.89
C THR A 272 3.76 15.79 21.66
N HIS A 273 3.07 14.91 20.92
CA HIS A 273 2.23 13.90 21.54
C HIS A 273 2.98 12.59 21.67
N GLU A 274 4.31 12.68 21.65
CA GLU A 274 5.18 11.53 21.91
C GLU A 274 5.06 10.41 20.87
N VAL A 275 4.59 10.74 19.67
CA VAL A 275 4.67 9.81 18.56
C VAL A 275 6.02 9.94 17.86
N PRO A 276 6.81 8.86 17.85
CA PRO A 276 8.11 8.90 17.16
C PRO A 276 7.97 9.10 15.64
N VAL A 277 8.67 10.10 15.12
CA VAL A 277 8.63 10.45 13.69
C VAL A 277 10.05 10.61 13.14
N TYR A 278 10.32 10.07 11.96
CA TYR A 278 11.62 10.21 11.33
C TYR A 278 11.47 10.90 9.97
N ARG A 279 12.56 11.46 9.46
CA ARG A 279 12.50 12.16 8.19
C ARG A 279 13.60 11.68 7.26
N THR A 280 13.47 12.02 5.98
CA THR A 280 14.57 11.90 5.04
C THR A 280 14.29 12.68 3.77
N ASN A 281 15.36 13.14 3.11
CA ASN A 281 15.26 13.67 1.75
C ASN A 281 15.71 12.56 0.83
N GLN A 282 14.77 12.04 0.05
CA GLN A 282 15.10 11.01 -0.94
C GLN A 282 15.57 11.73 -2.20
N CYS A 283 16.79 11.46 -2.64
CA CYS A 283 17.28 12.08 -3.85
C CYS A 283 17.20 11.13 -5.04
N ALA A 284 17.35 11.69 -6.25
CA ALA A 284 17.34 10.93 -7.49
C ALA A 284 18.25 9.70 -7.40
N GLY A 285 17.74 8.54 -7.84
CA GLY A 285 18.50 7.30 -7.78
C GLY A 285 18.45 6.63 -6.42
N GLU A 286 17.63 7.14 -5.50
CA GLU A 286 17.56 6.50 -4.19
C GLU A 286 16.20 5.84 -3.95
N PHE A 287 16.22 4.79 -3.13
CA PHE A 287 15.02 4.08 -2.74
C PHE A 287 14.59 4.49 -1.35
N VAL A 288 13.28 4.61 -1.16
CA VAL A 288 12.71 4.61 0.18
C VAL A 288 11.84 3.36 0.38
N ILE A 289 11.96 2.72 1.53
CA ILE A 289 11.15 1.56 1.82
C ILE A 289 10.29 1.84 3.05
N THR A 290 9.00 1.54 2.95
CA THR A 290 8.10 1.65 4.11
C THR A 290 7.69 0.26 4.56
N PHE A 291 7.65 0.07 5.87
CA PHE A 291 7.38 -1.24 6.46
C PHE A 291 5.90 -1.38 6.87
N PRO A 292 5.44 -2.62 7.14
CA PRO A 292 4.01 -2.82 7.45
C PRO A 292 3.45 -1.91 8.55
N ARG A 293 2.36 -1.24 8.22
CA ARG A 293 1.63 -0.35 9.13
C ARG A 293 2.48 0.84 9.57
N ALA A 294 3.52 1.17 8.80
CA ALA A 294 4.28 2.39 9.07
C ALA A 294 3.65 3.59 8.37
N TYR A 295 3.13 4.52 9.17
CA TYR A 295 2.51 5.72 8.64
C TYR A 295 3.59 6.57 7.95
N HIS A 296 3.25 7.18 6.83
CA HIS A 296 4.21 8.07 6.18
C HIS A 296 3.50 9.12 5.38
N SER A 297 4.21 10.23 5.19
CA SER A 297 3.72 11.37 4.42
C SER A 297 4.93 12.12 3.91
N GLY A 298 4.69 13.11 3.06
CA GLY A 298 5.78 13.97 2.65
C GLY A 298 5.37 14.92 1.54
N PHE A 299 6.37 15.49 0.87
CA PHE A 299 6.11 16.48 -0.15
C PHE A 299 7.33 16.54 -1.04
N ASN A 300 7.13 16.98 -2.28
CA ASN A 300 8.23 17.13 -3.22
C ASN A 300 8.89 18.52 -3.14
N GLN A 301 10.20 18.53 -3.31
CA GLN A 301 10.98 19.77 -3.30
C GLN A 301 10.90 20.53 -4.61
N GLY A 302 10.58 19.82 -5.70
CA GLY A 302 10.49 20.46 -7.00
C GLY A 302 10.09 19.41 -8.02
N PHE A 303 10.20 19.74 -9.31
CA PHE A 303 9.83 18.87 -10.40
C PHE A 303 10.59 17.53 -10.27
N ASN A 304 9.86 16.41 -10.21
CA ASN A 304 10.54 15.12 -10.15
C ASN A 304 9.64 13.98 -10.66
N PHE A 305 10.20 12.77 -10.64
CA PHE A 305 9.52 11.61 -11.21
C PHE A 305 9.88 10.38 -10.41
N ALA A 306 8.86 9.80 -9.78
CA ALA A 306 9.08 8.67 -8.90
C ALA A 306 8.21 7.52 -9.35
N GLU A 307 8.54 6.33 -8.85
CA GLU A 307 7.80 5.11 -9.16
C GLU A 307 7.79 4.25 -7.93
N ALA A 308 6.63 3.69 -7.61
CA ALA A 308 6.48 2.95 -6.37
C ALA A 308 5.55 1.74 -6.49
N VAL A 309 5.75 0.76 -5.63
CA VAL A 309 4.92 -0.44 -5.69
C VAL A 309 4.81 -1.08 -4.31
N ASN A 310 3.67 -1.71 -4.06
CA ASN A 310 3.45 -2.45 -2.82
C ASN A 310 4.01 -3.86 -2.97
N PHE A 311 4.40 -4.48 -1.86
CA PHE A 311 4.77 -5.87 -1.89
C PHE A 311 4.61 -6.46 -0.50
N CYS A 312 4.59 -7.78 -0.44
CA CYS A 312 4.40 -8.49 0.81
C CYS A 312 5.36 -9.66 0.88
N THR A 313 6.22 -9.64 1.89
CA THR A 313 7.16 -10.73 2.12
C THR A 313 6.46 -11.76 2.99
N VAL A 314 7.10 -12.91 3.25
CA VAL A 314 6.52 -13.92 4.15
C VAL A 314 6.50 -13.44 5.58
N ASP A 315 7.44 -12.57 5.93
CA ASP A 315 7.44 -11.87 7.22
C ASP A 315 6.09 -11.25 7.53
N TRP A 316 5.39 -10.85 6.47
CA TRP A 316 4.20 -10.02 6.59
C TRP A 316 2.92 -10.84 6.81
N LEU A 317 2.96 -12.14 6.52
CA LEU A 317 1.71 -12.93 6.51
C LEU A 317 0.87 -12.79 7.79
N PRO A 318 1.46 -12.93 9.00
CA PRO A 318 0.61 -12.79 10.20
C PRO A 318 0.01 -11.39 10.34
N LEU A 319 0.73 -10.38 9.88
CA LEU A 319 0.23 -9.01 9.93
C LEU A 319 -0.89 -8.81 8.94
N GLY A 320 -0.76 -9.46 7.79
CA GLY A 320 -1.84 -9.46 6.82
C GLY A 320 -3.12 -9.99 7.45
N ARG A 321 -3.01 -11.09 8.20
CA ARG A 321 -4.18 -11.65 8.87
C ARG A 321 -4.72 -10.66 9.92
N GLN A 322 -3.81 -10.07 10.68
N GLN A 322 -3.81 -10.07 10.69
CA GLN A 322 -4.20 -9.12 11.71
CA GLN A 322 -4.22 -9.09 11.71
C GLN A 322 -4.85 -7.87 11.11
C GLN A 322 -4.90 -7.90 11.06
N CYS A 323 -4.38 -7.46 9.93
CA CYS A 323 -4.96 -6.32 9.24
C CYS A 323 -6.42 -6.57 8.84
N VAL A 324 -6.71 -7.75 8.29
CA VAL A 324 -8.08 -8.02 7.84
C VAL A 324 -9.03 -8.10 9.04
N GLU A 325 -8.53 -8.65 10.14
CA GLU A 325 -9.26 -8.65 11.40
C GLU A 325 -9.51 -7.21 11.84
N HIS A 326 -8.50 -6.36 11.74
CA HIS A 326 -8.65 -4.95 12.07
C HIS A 326 -9.65 -4.28 11.12
N TYR A 327 -9.61 -4.63 9.84
CA TYR A 327 -10.58 -4.09 8.88
C TYR A 327 -12.01 -4.46 9.29
N ARG A 328 -12.18 -5.67 9.78
CA ARG A 328 -13.52 -6.16 10.14
C ARG A 328 -14.07 -5.31 11.29
N LEU A 329 -13.25 -5.06 12.30
CA LEU A 329 -13.66 -4.25 13.45
C LEU A 329 -14.06 -2.83 13.03
N LEU A 330 -13.44 -2.32 11.98
CA LEU A 330 -13.73 -0.98 11.49
C LEU A 330 -14.78 -0.95 10.39
N HIS A 331 -15.25 -2.12 9.95
CA HIS A 331 -16.16 -2.19 8.82
C HIS A 331 -15.48 -1.63 7.57
N ARG A 332 -14.18 -1.83 7.43
CA ARG A 332 -13.46 -1.38 6.23
C ARG A 332 -13.36 -2.46 5.15
N TYR A 333 -13.60 -2.07 3.91
CA TYR A 333 -13.47 -2.96 2.75
C TYR A 333 -12.06 -3.50 2.57
N CYS A 334 -11.97 -4.73 2.08
CA CYS A 334 -10.69 -5.40 1.79
C CYS A 334 -10.35 -5.18 0.34
N VAL A 335 -9.06 -5.19 0.01
CA VAL A 335 -8.69 -5.19 -1.41
C VAL A 335 -8.78 -6.62 -1.97
N PHE A 336 -8.47 -7.60 -1.13
CA PHE A 336 -8.58 -9.00 -1.54
C PHE A 336 -8.86 -9.83 -0.30
N SER A 337 -9.24 -11.09 -0.49
CA SER A 337 -9.35 -12.03 0.61
C SER A 337 -8.00 -12.64 0.96
N HIS A 338 -7.57 -12.41 2.19
CA HIS A 338 -6.34 -12.99 2.70
C HIS A 338 -6.42 -14.54 2.75
N ASP A 339 -7.53 -15.08 3.22
CA ASP A 339 -7.68 -16.54 3.27
C ASP A 339 -7.68 -17.16 1.87
N GLU A 340 -8.31 -16.49 0.91
CA GLU A 340 -8.29 -16.96 -0.46
C GLU A 340 -6.85 -17.03 -0.98
N MET A 341 -6.05 -16.04 -0.63
CA MET A 341 -4.66 -16.04 -1.08
C MET A 341 -3.87 -17.19 -0.45
N ILE A 342 -4.08 -17.42 0.84
CA ILE A 342 -3.45 -18.53 1.56
C ILE A 342 -3.76 -19.88 0.88
N CYS A 343 -5.03 -20.10 0.56
CA CYS A 343 -5.49 -21.35 -0.01
C CYS A 343 -5.00 -21.51 -1.44
N LYS A 344 -4.91 -20.40 -2.16
CA LYS A 344 -4.37 -20.43 -3.52
C LYS A 344 -2.95 -20.95 -3.44
N MET A 345 -2.20 -20.43 -2.48
CA MET A 345 -0.81 -20.85 -2.31
C MET A 345 -0.69 -22.32 -1.87
N ALA A 346 -1.50 -22.72 -0.89
CA ALA A 346 -1.56 -24.13 -0.48
C ALA A 346 -1.79 -25.03 -1.70
N SER A 347 -2.70 -24.63 -2.57
CA SER A 347 -3.02 -25.42 -3.75
C SER A 347 -1.85 -25.48 -4.74
N LYS A 348 -0.80 -24.70 -4.52
CA LYS A 348 0.39 -24.71 -5.37
C LYS A 348 1.60 -25.08 -4.55
N ALA A 349 1.40 -25.89 -3.51
CA ALA A 349 2.44 -26.16 -2.54
C ALA A 349 3.69 -26.75 -3.20
N ASP A 350 3.51 -27.59 -4.23
CA ASP A 350 4.64 -28.26 -4.85
C ASP A 350 5.60 -27.29 -5.55
N VAL A 351 5.07 -26.21 -6.11
CA VAL A 351 5.94 -25.27 -6.82
C VAL A 351 6.35 -24.07 -5.96
N LEU A 352 5.90 -24.05 -4.71
CA LEU A 352 6.27 -22.96 -3.80
C LEU A 352 7.71 -23.08 -3.31
N ASP A 353 8.34 -21.94 -3.13
CA ASP A 353 9.60 -21.88 -2.40
C ASP A 353 9.41 -22.50 -1.02
N VAL A 354 10.46 -23.10 -0.46
CA VAL A 354 10.27 -23.92 0.74
C VAL A 354 10.13 -23.10 2.01
N VAL A 355 10.74 -21.92 2.08
CA VAL A 355 10.56 -21.09 3.27
C VAL A 355 9.18 -20.46 3.21
N VAL A 356 8.78 -20.07 2.00
CA VAL A 356 7.42 -19.60 1.76
C VAL A 356 6.41 -20.66 2.23
N ALA A 357 6.57 -21.89 1.74
CA ALA A 357 5.70 -23.00 2.13
C ALA A 357 5.58 -23.13 3.64
N SER A 358 6.72 -23.11 4.32
CA SER A 358 6.74 -23.20 5.77
C SER A 358 5.92 -22.09 6.47
N THR A 359 6.02 -20.89 5.93
CA THR A 359 5.38 -19.74 6.58
C THR A 359 3.88 -19.70 6.27
N VAL A 360 3.53 -20.05 5.03
CA VAL A 360 2.13 -20.20 4.67
C VAL A 360 1.46 -21.25 5.56
N GLN A 361 2.18 -22.34 5.80
CA GLN A 361 1.64 -23.44 6.61
C GLN A 361 1.24 -22.95 8.01
N LYS A 362 2.06 -22.09 8.61
CA LYS A 362 1.76 -21.59 9.93
C LYS A 362 0.51 -20.70 9.94
N ASP A 363 0.39 -19.80 8.96
CA ASP A 363 -0.81 -18.95 8.87
C ASP A 363 -2.05 -19.81 8.61
N MET A 364 -1.92 -20.81 7.72
CA MET A 364 -3.03 -21.68 7.40
C MET A 364 -3.52 -22.45 8.64
N ALA A 365 -2.60 -22.85 9.50
CA ALA A 365 -2.98 -23.55 10.72
C ALA A 365 -3.83 -22.67 11.63
N ILE A 366 -3.50 -21.39 11.72
CA ILE A 366 -4.31 -20.46 12.51
C ILE A 366 -5.67 -20.27 11.86
N MET A 367 -5.67 -20.07 10.54
CA MET A 367 -6.89 -19.95 9.77
C MET A 367 -7.84 -21.12 10.05
N ILE A 368 -7.31 -22.33 9.97
CA ILE A 368 -8.15 -23.52 10.11
C ILE A 368 -8.70 -23.61 11.53
N GLU A 369 -7.83 -23.40 12.50
CA GLU A 369 -8.24 -23.38 13.89
C GLU A 369 -9.33 -22.35 14.18
N ASP A 370 -9.15 -21.11 13.70
CA ASP A 370 -10.20 -20.10 13.86
C ASP A 370 -11.49 -20.52 13.14
N GLU A 371 -11.35 -21.15 11.97
CA GLU A 371 -12.51 -21.50 11.18
C GLU A 371 -13.31 -22.57 11.92
N LYS A 372 -12.61 -23.55 12.46
CA LYS A 372 -13.23 -24.62 13.24
C LYS A 372 -14.10 -24.05 14.37
N ALA A 373 -13.53 -23.11 15.12
CA ALA A 373 -14.23 -22.51 16.24
C ALA A 373 -15.48 -21.75 15.79
N LEU A 374 -15.39 -21.06 14.65
CA LEU A 374 -16.49 -20.23 14.18
C LEU A 374 -17.65 -21.10 13.74
N ARG A 375 -17.33 -22.20 13.07
CA ARG A 375 -18.36 -23.11 12.60
C ARG A 375 -19.06 -23.78 13.78
N GLU A 376 -18.32 -24.12 14.82
CA GLU A 376 -18.92 -24.70 16.03
C GLU A 376 -19.90 -23.72 16.64
N THR A 377 -19.51 -22.45 16.71
CA THR A 377 -20.39 -21.41 17.25
C THR A 377 -21.67 -21.23 16.42
N VAL A 378 -21.58 -21.25 15.09
CA VAL A 378 -22.79 -20.96 14.33
C VAL A 378 -23.70 -22.19 14.35
N ARG A 379 -23.14 -23.39 14.43
CA ARG A 379 -23.97 -24.60 14.60
C ARG A 379 -24.80 -24.49 15.91
N LYS A 380 -24.15 -24.00 16.96
CA LYS A 380 -24.82 -23.87 18.25
C LYS A 380 -25.88 -22.79 18.21
N LEU A 381 -25.84 -21.94 17.20
CA LEU A 381 -26.86 -20.90 17.06
C LEU A 381 -28.07 -21.45 16.33
N GLY A 382 -27.94 -22.67 15.81
CA GLY A 382 -29.06 -23.33 15.17
C GLY A 382 -29.00 -23.33 13.66
N VAL A 383 -27.87 -22.93 13.09
CA VAL A 383 -27.68 -23.05 11.66
C VAL A 383 -27.30 -24.50 11.36
N ILE A 384 -28.14 -25.17 10.56
CA ILE A 384 -27.94 -26.60 10.34
C ILE A 384 -27.64 -26.96 8.89
N ASP A 385 -28.44 -26.45 7.96
CA ASP A 385 -28.19 -26.71 6.55
C ASP A 385 -26.86 -26.10 6.12
N SER A 386 -26.21 -26.72 5.16
CA SER A 386 -24.97 -26.20 4.64
C SER A 386 -24.84 -26.61 3.18
N GLU A 387 -24.05 -25.86 2.40
CA GLU A 387 -23.77 -26.20 1.02
C GLU A 387 -22.41 -25.62 0.63
N ARG A 388 -21.59 -26.39 -0.09
CA ARG A 388 -20.30 -25.90 -0.53
C ARG A 388 -20.51 -24.73 -1.51
N MET A 389 -19.59 -23.78 -1.51
CA MET A 389 -19.72 -22.63 -2.41
C MET A 389 -18.36 -22.12 -2.83
N ASP A 390 -18.16 -21.98 -4.14
CA ASP A 390 -16.89 -21.46 -4.66
C ASP A 390 -16.80 -19.94 -4.59
N PHE A 391 -16.56 -19.43 -3.39
CA PHE A 391 -16.54 -18.00 -3.16
C PHE A 391 -15.66 -17.22 -4.13
N GLU A 392 -14.56 -17.84 -4.61
CA GLU A 392 -13.61 -17.09 -5.43
C GLU A 392 -14.17 -16.70 -6.80
N LEU A 393 -15.28 -17.32 -7.19
CA LEU A 393 -15.96 -17.00 -8.45
C LEU A 393 -16.87 -15.78 -8.38
N LEU A 394 -17.28 -15.42 -7.18
CA LEU A 394 -18.16 -14.25 -7.00
C LEU A 394 -17.33 -12.98 -7.10
N PRO A 395 -17.82 -12.00 -7.88
CA PRO A 395 -17.23 -10.66 -7.77
C PRO A 395 -17.23 -10.21 -6.31
N ASP A 396 -16.25 -9.39 -5.96
CA ASP A 396 -16.11 -8.93 -4.58
C ASP A 396 -17.39 -8.33 -3.99
N ASP A 397 -18.08 -7.51 -4.77
CA ASP A 397 -19.25 -6.81 -4.26
C ASP A 397 -20.42 -7.76 -4.05
N GLU A 398 -20.25 -9.02 -4.43
CA GLU A 398 -21.29 -10.01 -4.15
C GLU A 398 -20.86 -10.98 -3.05
N ARG A 399 -19.75 -10.73 -2.38
CA ARG A 399 -19.42 -11.58 -1.23
C ARG A 399 -18.85 -10.79 -0.05
N GLN A 400 -19.33 -9.57 0.13
CA GLN A 400 -18.98 -8.80 1.32
C GLN A 400 -20.02 -8.98 2.41
N CYS A 401 -19.56 -9.20 3.62
CA CYS A 401 -20.44 -9.27 4.78
C CYS A 401 -21.27 -7.98 4.87
N VAL A 402 -22.59 -8.15 4.91
CA VAL A 402 -23.55 -7.05 5.11
C VAL A 402 -23.15 -6.10 6.23
N LYS A 403 -22.66 -6.66 7.32
CA LYS A 403 -22.34 -5.89 8.50
C LYS A 403 -20.94 -5.28 8.45
N CYS A 404 -19.91 -6.11 8.36
CA CYS A 404 -18.53 -5.63 8.54
C CYS A 404 -17.75 -5.45 7.23
N LYS A 405 -18.39 -5.80 6.12
CA LYS A 405 -17.84 -5.61 4.76
C LYS A 405 -16.67 -6.51 4.38
N THR A 406 -16.28 -7.44 5.24
CA THR A 406 -15.13 -8.29 4.94
C THR A 406 -15.43 -9.11 3.67
N THR A 407 -14.40 -9.42 2.90
CA THR A 407 -14.57 -10.26 1.72
C THR A 407 -14.60 -11.70 2.18
N CYS A 408 -15.74 -12.36 2.02
CA CYS A 408 -15.87 -13.76 2.46
C CYS A 408 -15.11 -14.72 1.55
N PHE A 409 -14.60 -15.80 2.14
CA PHE A 409 -14.03 -16.88 1.35
C PHE A 409 -14.15 -18.24 2.04
N MET A 410 -13.71 -18.32 3.30
CA MET A 410 -13.79 -19.60 4.01
C MET A 410 -15.25 -20.03 4.15
N SER A 411 -16.10 -19.07 4.48
CA SER A 411 -17.52 -19.35 4.75
C SER A 411 -18.36 -18.10 4.96
N ALA A 412 -19.67 -18.25 4.82
CA ALA A 412 -20.64 -17.19 5.06
C ALA A 412 -22.01 -17.81 5.40
N ILE A 413 -22.93 -16.97 5.87
CA ILE A 413 -24.31 -17.37 6.09
C ILE A 413 -25.23 -16.65 5.11
N SER A 414 -26.16 -17.40 4.53
CA SER A 414 -27.17 -16.83 3.68
C SER A 414 -28.55 -17.25 4.14
N CYS A 415 -29.57 -16.56 3.66
CA CYS A 415 -30.95 -16.91 3.90
C CYS A 415 -31.73 -16.65 2.64
N SER A 416 -32.56 -17.61 2.22
CA SER A 416 -33.41 -17.48 1.03
C SER A 416 -34.29 -16.22 1.09
N CYS A 417 -34.62 -15.79 2.30
CA CYS A 417 -35.21 -14.48 2.56
C CYS A 417 -34.55 -13.25 1.91
N LYS A 418 -33.23 -13.25 1.81
CA LYS A 418 -32.51 -12.10 1.24
C LYS A 418 -31.51 -12.57 0.20
N PRO A 419 -32.00 -12.88 -1.01
CA PRO A 419 -31.15 -13.51 -2.03
C PRO A 419 -29.90 -12.70 -2.34
N GLY A 420 -28.76 -13.37 -2.35
CA GLY A 420 -27.51 -12.73 -2.72
C GLY A 420 -26.78 -12.08 -1.56
N LEU A 421 -27.48 -11.83 -0.46
CA LEU A 421 -26.86 -11.22 0.73
C LEU A 421 -26.15 -12.26 1.58
N LEU A 422 -25.02 -11.87 2.16
CA LEU A 422 -24.19 -12.75 2.96
C LEU A 422 -23.70 -12.04 4.19
N VAL A 423 -23.46 -12.79 5.26
CA VAL A 423 -22.75 -12.27 6.41
C VAL A 423 -21.65 -13.25 6.69
N CYS A 424 -20.53 -12.76 7.24
CA CYS A 424 -19.48 -13.65 7.68
C CYS A 424 -19.97 -14.30 8.97
N LEU A 425 -19.19 -15.22 9.50
CA LEU A 425 -19.65 -16.02 10.63
C LEU A 425 -19.54 -15.25 11.93
N HIS A 426 -18.95 -14.06 11.90
CA HIS A 426 -18.99 -13.18 13.07
C HIS A 426 -20.33 -12.46 13.19
N HIS A 427 -21.08 -12.43 12.11
CA HIS A 427 -22.28 -11.59 12.08
C HIS A 427 -23.55 -12.35 11.66
N VAL A 428 -23.63 -13.61 12.08
CA VAL A 428 -24.81 -14.43 11.85
C VAL A 428 -26.12 -13.72 12.27
N LYS A 429 -26.07 -12.89 13.31
CA LYS A 429 -27.27 -12.17 13.81
C LYS A 429 -27.73 -11.02 12.93
N GLU A 430 -26.93 -10.63 11.94
CA GLU A 430 -27.14 -9.37 11.23
C GLU A 430 -27.68 -9.52 9.84
N LEU A 431 -28.09 -10.72 9.48
CA LEU A 431 -28.54 -10.97 8.12
C LEU A 431 -30.02 -10.63 7.94
N CYS A 432 -30.86 -11.16 8.83
CA CYS A 432 -32.31 -10.96 8.74
C CYS A 432 -33.00 -11.46 10.00
N SER A 433 -34.33 -11.33 10.03
CA SER A 433 -35.08 -11.71 11.23
C SER A 433 -35.57 -13.16 11.23
N CYS A 434 -35.31 -13.91 10.15
CA CYS A 434 -35.70 -15.31 10.13
C CYS A 434 -34.93 -16.05 11.21
N PRO A 435 -35.52 -17.12 11.77
CA PRO A 435 -34.78 -17.98 12.70
C PRO A 435 -33.65 -18.69 11.99
N PRO A 436 -32.52 -18.89 12.69
CA PRO A 436 -31.31 -19.52 12.14
C PRO A 436 -31.54 -20.86 11.42
N TYR A 437 -32.60 -21.61 11.73
CA TYR A 437 -32.78 -22.89 11.04
C TYR A 437 -33.13 -22.67 9.57
N LYS A 438 -33.49 -21.44 9.21
CA LYS A 438 -33.75 -21.13 7.80
C LYS A 438 -32.47 -20.77 7.02
N TYR A 439 -31.36 -20.66 7.74
CA TYR A 439 -30.08 -20.23 7.17
C TYR A 439 -29.30 -21.37 6.54
N LYS A 440 -28.38 -21.05 5.63
CA LYS A 440 -27.41 -22.02 5.16
C LYS A 440 -26.01 -21.55 5.49
N LEU A 441 -25.18 -22.44 5.99
CA LEU A 441 -23.75 -22.20 6.02
C LEU A 441 -23.17 -22.49 4.63
N ARG A 442 -22.67 -21.46 3.97
CA ARG A 442 -21.97 -21.62 2.69
CA ARG A 442 -21.98 -21.63 2.70
C ARG A 442 -20.49 -21.69 2.97
N TYR A 443 -19.82 -22.72 2.47
CA TYR A 443 -18.42 -22.93 2.82
C TYR A 443 -17.60 -23.33 1.61
N ARG A 444 -16.35 -22.90 1.58
CA ARG A 444 -15.46 -23.22 0.48
C ARG A 444 -14.90 -24.64 0.59
N TYR A 445 -14.52 -25.03 1.80
CA TYR A 445 -13.86 -26.30 2.10
C TYR A 445 -14.45 -26.91 3.35
N THR A 446 -14.51 -28.23 3.42
CA THR A 446 -14.78 -28.88 4.70
C THR A 446 -13.47 -28.83 5.46
N LEU A 447 -13.55 -28.95 6.79
CA LEU A 447 -12.34 -29.10 7.59
C LEU A 447 -11.47 -30.24 7.08
N ASP A 448 -12.11 -31.32 6.62
CA ASP A 448 -11.38 -32.47 6.09
C ASP A 448 -10.67 -32.20 4.77
N ASP A 449 -11.15 -31.25 3.96
CA ASP A 449 -10.42 -30.85 2.76
C ASP A 449 -9.17 -30.07 3.15
N LEU A 450 -9.28 -29.32 4.24
CA LEU A 450 -8.27 -28.32 4.59
C LEU A 450 -6.98 -28.95 5.10
N TYR A 451 -7.10 -29.93 5.98
CA TYR A 451 -5.91 -30.53 6.61
C TYR A 451 -4.93 -31.15 5.60
N PRO A 452 -5.42 -31.84 4.55
CA PRO A 452 -4.49 -32.31 3.51
C PRO A 452 -3.80 -31.19 2.71
N MET A 453 -4.48 -30.05 2.53
CA MET A 453 -3.86 -28.90 1.86
C MET A 453 -2.69 -28.42 2.69
N MET A 454 -2.90 -28.34 4.00
CA MET A 454 -1.84 -27.94 4.90
C MET A 454 -0.70 -28.96 4.91
N ASN A 455 -1.03 -30.25 4.81
N ASN A 455 -1.04 -30.24 4.79
CA ASN A 455 -0.01 -31.30 4.79
CA ASN A 455 -0.03 -31.29 4.79
C ASN A 455 0.91 -31.23 3.57
C ASN A 455 0.90 -31.21 3.57
N ALA A 456 0.36 -30.77 2.44
CA ALA A 456 1.18 -30.60 1.23
C ALA A 456 2.25 -29.55 1.50
N LEU A 457 1.86 -28.46 2.16
CA LEU A 457 2.80 -27.40 2.54
C LEU A 457 3.87 -27.96 3.47
N LYS A 458 3.46 -28.80 4.41
CA LYS A 458 4.39 -29.40 5.36
C LYS A 458 5.41 -30.27 4.63
N LEU A 459 4.94 -31.11 3.71
CA LEU A 459 5.84 -31.93 2.89
C LEU A 459 6.82 -31.09 2.07
N ARG A 460 6.32 -30.03 1.44
CA ARG A 460 7.16 -29.15 0.65
C ARG A 460 8.23 -28.49 1.53
N ALA A 461 7.86 -28.19 2.77
CA ALA A 461 8.76 -27.52 3.71
C ALA A 461 9.63 -28.50 4.50
N GLU A 462 9.17 -29.75 4.60
CA GLU A 462 9.73 -30.77 5.51
C GLU A 462 9.52 -30.39 6.97
MN MN B . -2.96 27.32 3.87
MN MN C . 2.49 5.02 0.63
ZN ZN D . -18.98 -9.72 9.11
ZN ZN E . -34.21 -14.44 6.26
N1 EPE F . -7.95 4.33 9.07
C2 EPE F . -9.04 4.90 8.27
C3 EPE F . -9.39 6.31 8.75
N4 EPE F . -8.21 7.12 8.99
C5 EPE F . -7.03 6.52 9.61
C6 EPE F . -6.75 5.17 8.96
C7 EPE F . -8.08 8.45 8.44
C8 EPE F . -6.65 8.65 7.94
O8 EPE F . -6.51 9.94 7.45
C9 EPE F . -7.61 3.00 8.55
C10 EPE F . -6.84 2.19 9.59
S EPE F . -6.42 0.56 8.92
O1S EPE F . -5.49 -0.16 9.77
O2S EPE F . -5.86 0.77 7.58
O3S EPE F . -7.68 -0.19 8.85
C1 EDO G . 1.89 10.25 -13.53
O1 EDO G . 0.61 10.87 -13.47
C2 EDO G . 1.98 9.56 -14.88
O2 EDO G . 0.71 8.99 -15.19
C1 EDO H . -20.01 -27.94 7.40
O1 EDO H . -18.78 -27.44 7.96
C2 EDO H . -19.65 -28.76 6.18
O2 EDO H . -18.46 -29.53 6.49
C1 EDO I . 11.07 11.44 16.79
O1 EDO I . 11.41 12.45 17.74
C2 EDO I . 11.89 10.18 17.07
O2 EDO I . 12.12 10.02 18.48
C1 EDO J . -23.50 -9.92 0.09
O1 EDO J . -23.73 -9.22 1.32
C2 EDO J . -23.22 -8.98 -1.09
O2 EDO J . -21.86 -8.52 -1.08
C1 EDO K . 2.54 -3.22 13.48
O1 EDO K . 3.63 -2.95 14.37
C2 EDO K . 1.50 -4.09 14.21
O2 EDO K . 0.33 -3.30 14.46
C1 EDO L . -23.80 -26.04 9.57
O1 EDO L . -23.82 -25.36 10.84
C2 EDO L . -23.49 -27.53 9.75
O2 EDO L . -24.56 -28.19 10.45
C1 EDO M . -0.86 14.51 25.24
O1 EDO M . -2.30 14.41 25.27
C2 EDO M . -0.22 13.13 25.08
O2 EDO M . -0.77 12.43 23.96
C1 EDO N . 2.52 1.89 -3.98
O1 EDO N . 2.49 2.17 -2.57
C2 EDO N . 2.18 3.18 -4.70
O2 EDO N . 2.58 4.28 -3.86
C1 EDO O . 2.83 14.53 -5.24
O1 EDO O . 1.41 14.36 -5.13
C2 EDO O . 3.35 14.15 -6.63
O2 EDO O . 3.05 12.81 -7.02
C PYR P . 4.29 11.20 -4.17
O PYR P . 3.12 11.26 -3.78
OXT PYR P . 4.92 12.10 -4.80
CA PYR P . 5.01 9.88 -3.84
O3 PYR P . 5.94 9.50 -4.57
CB PYR P . 4.59 9.05 -2.67
MN MN Q . -19.63 -5.49 15.24
#